data_6ASB
#
_entry.id   6ASB
#
_cell.length_a   55.729
_cell.length_b   64.282
_cell.length_c   67.324
_cell.angle_alpha   103.530
_cell.angle_beta   104.660
_cell.angle_gamma   99.400
#
_symmetry.space_group_name_H-M   'P 1'
#
loop_
_entity.id
_entity.type
_entity.pdbx_description
1 polymer "DNA (5'-D(*GP*CP*CP*AP*AP*CP*GP*TP*TP*GP*GP*C)-3')"
2 polymer 'F-box/LRR-repeat protein 19'
3 non-polymer 'ZINC ION'
#
loop_
_entity_poly.entity_id
_entity_poly.type
_entity_poly.pdbx_seq_one_letter_code
_entity_poly.pdbx_strand_id
1 'polydeoxyribonucleotide' (DG)(DC)(DC)(DA)(DA)(DC)(DG)(DT)(DT)(DG)(DG)(DC) A,B,D,E,G,H,J,K
2 'polypeptide(L)'
;GARRRRTRCRRCRACVRTECGDCHFCRDMKKFGGPGRMKQSCLLRQCTAPVLPHTAVCLLCGEAGKEDTVEGEEEKFGLS
LMECTICNEIVHPGCLKMGKAEGVINAEIPNCWECPRCTQEGR
;
C,F,I,L
#
# COMPACT_ATOMS: atom_id res chain seq x y z
N ARG C 5 3.48 11.39 3.84
CA ARG C 5 3.01 12.69 3.34
C ARG C 5 4.05 13.75 3.65
N ARG C 6 4.63 14.38 2.61
CA ARG C 6 5.69 15.38 2.79
C ARG C 6 5.12 16.72 3.14
N THR C 7 5.94 17.56 3.78
CA THR C 7 5.53 18.88 4.25
C THR C 7 6.46 19.89 3.60
N ARG C 8 5.95 21.12 3.37
CA ARG C 8 6.76 22.19 2.81
C ARG C 8 7.93 22.53 3.75
N CYS C 9 9.10 22.85 3.17
CA CYS C 9 10.33 23.12 3.89
C CYS C 9 10.30 24.38 4.74
N ARG C 10 9.46 25.40 4.38
CA ARG C 10 9.30 26.71 5.06
C ARG C 10 10.54 27.65 4.92
N ARG C 11 11.57 27.27 4.12
CA ARG C 11 12.82 28.04 4.00
C ARG C 11 13.23 28.42 2.55
N CYS C 12 12.55 27.89 1.50
CA CYS C 12 12.87 28.28 0.13
C CYS C 12 12.18 29.58 -0.25
N ARG C 13 12.61 30.22 -1.35
CA ARG C 13 12.00 31.49 -1.77
C ARG C 13 10.47 31.32 -2.06
N ALA C 14 10.05 30.13 -2.58
CA ALA C 14 8.65 29.74 -2.80
C ALA C 14 7.85 29.74 -1.49
N CYS C 15 8.36 29.01 -0.48
CA CYS C 15 7.75 28.89 0.86
C CYS C 15 7.56 30.21 1.56
N VAL C 16 8.54 31.12 1.45
CA VAL C 16 8.49 32.38 2.22
C VAL C 16 7.77 33.53 1.48
N ARG C 17 7.44 33.36 0.18
CA ARG C 17 6.68 34.33 -0.64
C ARG C 17 5.24 34.36 -0.12
N THR C 18 4.62 35.55 0.01
CA THR C 18 3.23 35.63 0.49
C THR C 18 2.26 35.18 -0.60
N GLU C 19 1.04 34.80 -0.18
CA GLU C 19 0.00 34.37 -1.11
C GLU C 19 -0.35 35.53 -2.02
N CYS C 20 -0.37 35.27 -3.34
CA CYS C 20 -0.64 36.27 -4.37
C CYS C 20 -2.05 36.80 -4.33
N GLY C 21 -2.99 35.97 -3.93
CA GLY C 21 -4.39 36.35 -3.87
C GLY C 21 -5.05 36.46 -5.23
N ASP C 22 -4.35 36.08 -6.33
CA ASP C 22 -4.90 36.19 -7.69
C ASP C 22 -4.83 34.89 -8.51
N CYS C 23 -4.10 33.87 -8.07
CA CYS C 23 -4.05 32.62 -8.81
C CYS C 23 -5.33 31.84 -8.57
N HIS C 24 -5.51 30.76 -9.32
CA HIS C 24 -6.63 29.83 -9.26
C HIS C 24 -6.86 29.22 -7.82
N PHE C 25 -5.79 28.98 -7.08
CA PHE C 25 -5.92 28.40 -5.77
C PHE C 25 -6.17 29.43 -4.69
N CYS C 26 -5.52 30.61 -4.78
CA CYS C 26 -5.74 31.72 -3.86
C CYS C 26 -7.22 32.17 -4.01
N ARG C 27 -7.70 32.36 -5.25
CA ARG C 27 -9.09 32.71 -5.55
C ARG C 27 -10.06 31.71 -4.85
N ASP C 28 -9.68 30.41 -4.65
CA ASP C 28 -10.58 29.45 -4.00
C ASP C 28 -10.59 29.60 -2.47
N MET C 29 -9.55 30.21 -1.92
CA MET C 29 -9.44 30.37 -0.48
C MET C 29 -10.51 31.29 0.10
N LYS C 30 -11.11 30.90 1.24
CA LYS C 30 -12.09 31.71 2.00
C LYS C 30 -11.52 33.11 2.25
N LYS C 31 -10.21 33.20 2.66
CA LYS C 31 -9.53 34.48 2.96
C LYS C 31 -9.58 35.43 1.80
N PHE C 32 -9.63 34.89 0.57
CA PHE C 32 -9.73 35.74 -0.62
C PHE C 32 -11.16 35.74 -1.20
N GLY C 33 -12.14 35.32 -0.39
CA GLY C 33 -13.55 35.34 -0.74
C GLY C 33 -14.06 34.19 -1.57
N GLY C 34 -13.34 33.08 -1.55
CA GLY C 34 -13.72 31.85 -2.27
C GLY C 34 -14.41 30.82 -1.40
N PRO C 35 -14.85 29.64 -1.98
CA PRO C 35 -15.57 28.63 -1.17
C PRO C 35 -14.72 27.79 -0.22
N GLY C 36 -13.42 27.73 -0.49
CA GLY C 36 -12.45 27.01 0.32
C GLY C 36 -12.57 25.50 0.25
N ARG C 37 -12.97 24.96 -0.93
CA ARG C 37 -13.17 23.54 -1.20
C ARG C 37 -11.98 22.83 -1.85
N MET C 38 -11.11 23.58 -2.57
CA MET C 38 -9.94 23.00 -3.24
C MET C 38 -8.83 22.62 -2.31
N LYS C 39 -8.67 23.38 -1.20
CA LYS C 39 -7.70 23.17 -0.13
C LYS C 39 -6.24 23.02 -0.62
N GLN C 40 -5.83 23.73 -1.69
CA GLN C 40 -4.47 23.66 -2.22
C GLN C 40 -3.74 24.95 -1.89
N SER C 41 -2.38 24.93 -1.82
CA SER C 41 -1.58 26.14 -1.53
C SER C 41 -1.56 27.15 -2.70
N CYS C 42 -1.07 28.35 -2.46
CA CYS C 42 -0.90 29.33 -3.53
C CYS C 42 0.02 28.77 -4.60
N LEU C 43 -0.31 28.98 -5.88
CA LEU C 43 0.50 28.50 -7.02
C LEU C 43 1.92 29.10 -7.09
N LEU C 44 2.18 30.19 -6.36
CA LEU C 44 3.50 30.79 -6.34
C LEU C 44 4.32 30.31 -5.12
N ARG C 45 3.67 29.55 -4.23
CA ARG C 45 4.27 28.99 -3.03
C ARG C 45 4.46 27.45 -3.07
N GLN C 46 4.83 26.92 -4.22
CA GLN C 46 5.05 25.50 -4.31
C GLN C 46 6.47 25.20 -3.92
N CYS C 47 6.63 24.59 -2.73
CA CYS C 47 7.93 24.22 -2.18
C CYS C 47 8.80 23.47 -3.19
N THR C 48 10.07 23.92 -3.39
CA THR C 48 11.03 23.28 -4.31
C THR C 48 11.56 21.94 -3.76
N ALA C 49 11.91 21.90 -2.44
CA ALA C 49 12.42 20.70 -1.75
C ALA C 49 11.60 20.34 -0.49
N PRO C 50 10.45 19.66 -0.66
CA PRO C 50 9.59 19.31 0.48
C PRO C 50 10.29 18.29 1.36
N VAL C 51 10.05 18.39 2.66
CA VAL C 51 10.73 17.61 3.67
C VAL C 51 9.84 16.52 4.29
N LEU C 52 10.45 15.51 4.91
CA LEU C 52 9.66 14.48 5.58
C LEU C 52 8.98 15.13 6.81
N PRO C 53 7.83 14.64 7.34
CA PRO C 53 7.28 15.29 8.54
C PRO C 53 8.13 15.01 9.78
N HIS C 54 8.02 15.92 10.75
CA HIS C 54 8.71 15.89 12.03
C HIS C 54 8.62 14.53 12.74
N THR C 55 7.49 13.84 12.56
CA THR C 55 7.24 12.58 13.24
C THR C 55 7.77 11.35 12.50
N ALA C 56 8.37 11.50 11.30
CA ALA C 56 8.94 10.40 10.52
C ALA C 56 10.04 9.69 11.33
N VAL C 57 10.03 8.35 11.26
CA VAL C 57 10.94 7.43 11.95
C VAL C 57 11.28 6.25 11.02
N CYS C 58 12.40 5.58 11.31
CA CYS C 58 12.90 4.40 10.59
C CYS C 58 11.94 3.22 10.82
N LEU C 59 11.51 2.57 9.73
CA LEU C 59 10.62 1.41 9.72
C LEU C 59 11.15 0.23 10.55
N LEU C 60 12.48 0.10 10.65
CA LEU C 60 13.13 -1.02 11.29
C LEU C 60 13.40 -0.76 12.76
N CYS C 61 14.14 0.33 13.10
CA CYS C 61 14.52 0.61 14.49
C CYS C 61 13.61 1.64 15.20
N GLY C 62 12.66 2.24 14.49
CA GLY C 62 11.69 3.15 15.09
C GLY C 62 12.22 4.47 15.60
N GLU C 63 13.46 4.83 15.26
CA GLU C 63 14.03 6.11 15.67
C GLU C 63 14.04 7.13 14.48
N ALA C 64 14.14 8.42 14.80
CA ALA C 64 14.25 9.49 13.79
C ALA C 64 15.73 9.62 13.39
N GLY C 65 16.06 10.61 12.54
CA GLY C 65 17.43 10.89 12.11
C GLY C 65 18.35 11.20 13.28
N LYS C 66 19.57 10.61 13.27
CA LYS C 66 20.58 10.79 14.32
C LYS C 66 21.93 11.20 13.70
N GLU C 67 21.89 11.79 12.48
CA GLU C 67 23.09 12.18 11.74
C GLU C 67 23.92 13.26 12.47
N ASP C 68 23.31 14.03 13.39
CA ASP C 68 24.09 15.05 14.14
C ASP C 68 25.01 14.42 15.21
N THR C 69 24.75 13.16 15.60
CA THR C 69 25.57 12.44 16.59
C THR C 69 26.92 11.90 15.99
N VAL C 70 27.03 11.86 14.65
CA VAL C 70 28.21 11.38 13.90
C VAL C 70 28.84 12.55 13.13
N GLU C 71 30.18 12.50 12.93
CA GLU C 71 30.97 13.54 12.25
C GLU C 71 31.17 13.33 10.75
N GLY C 72 31.61 12.13 10.40
CA GLY C 72 31.88 11.75 9.02
C GLY C 72 30.61 11.72 8.20
N GLU C 73 30.71 12.11 6.92
CA GLU C 73 29.63 12.15 5.95
C GLU C 73 29.00 10.75 5.66
N GLU C 74 29.80 9.67 5.63
CA GLU C 74 29.28 8.31 5.39
C GLU C 74 28.45 7.87 6.61
N GLU C 75 28.98 8.10 7.81
CA GLU C 75 28.35 7.76 9.08
C GLU C 75 27.05 8.54 9.26
N LYS C 76 27.08 9.84 8.90
CA LYS C 76 25.92 10.75 8.97
C LYS C 76 24.83 10.25 8.02
N PHE C 77 25.17 9.91 6.76
CA PHE C 77 24.25 9.35 5.77
C PHE C 77 23.55 8.11 6.33
N GLY C 78 24.31 7.21 6.94
CA GLY C 78 23.76 5.97 7.51
C GLY C 78 22.81 6.15 8.68
N LEU C 79 22.88 7.31 9.36
CA LEU C 79 22.04 7.63 10.52
C LEU C 79 20.91 8.62 10.17
N SER C 80 20.78 8.96 8.88
CA SER C 80 19.73 9.84 8.37
C SER C 80 18.58 9.02 7.82
N LEU C 81 17.36 9.57 7.86
CA LEU C 81 16.22 8.88 7.25
C LEU C 81 16.27 9.07 5.74
N MET C 82 15.98 8.01 5.00
CA MET C 82 15.91 8.00 3.53
C MET C 82 14.58 7.36 3.16
N GLU C 83 13.78 8.04 2.30
CA GLU C 83 12.47 7.58 1.85
C GLU C 83 12.59 7.02 0.44
N CYS C 84 12.12 5.78 0.21
CA CYS C 84 12.18 5.20 -1.11
C CYS C 84 11.02 5.68 -1.97
N THR C 85 11.34 6.13 -3.17
CA THR C 85 10.35 6.63 -4.14
C THR C 85 9.38 5.53 -4.62
N ILE C 86 9.83 4.26 -4.57
CA ILE C 86 9.17 3.06 -5.09
C ILE C 86 8.37 2.31 -4.05
N CYS C 87 9.02 1.90 -2.94
CA CYS C 87 8.40 1.12 -1.88
C CYS C 87 7.87 2.00 -0.73
N ASN C 88 8.19 3.30 -0.76
CA ASN C 88 7.76 4.32 0.21
C ASN C 88 8.29 4.17 1.61
N GLU C 89 9.19 3.20 1.83
CA GLU C 89 9.81 2.90 3.12
C GLU C 89 10.75 4.05 3.53
N ILE C 90 10.61 4.51 4.78
CA ILE C 90 11.49 5.53 5.36
C ILE C 90 12.38 4.72 6.32
N VAL C 91 13.72 4.70 6.08
CA VAL C 91 14.67 3.93 6.88
C VAL C 91 16.01 4.64 7.01
N HIS C 92 16.79 4.26 8.02
CA HIS C 92 18.17 4.69 8.15
C HIS C 92 18.93 3.70 7.22
N PRO C 93 19.75 4.14 6.25
CA PRO C 93 20.50 3.17 5.42
C PRO C 93 21.35 2.20 6.24
N GLY C 94 21.86 2.63 7.40
CA GLY C 94 22.66 1.81 8.30
C GLY C 94 21.87 0.73 9.01
N CYS C 95 20.52 0.83 8.99
CA CYS C 95 19.62 -0.16 9.56
C CYS C 95 19.34 -1.28 8.54
N LEU C 96 19.87 -1.17 7.31
CA LEU C 96 19.66 -2.19 6.28
C LEU C 96 20.74 -3.24 6.32
N LYS C 97 20.33 -4.49 6.02
CA LYS C 97 21.17 -5.68 6.04
C LYS C 97 21.52 -6.15 4.62
N MET C 98 21.99 -5.19 3.82
CA MET C 98 22.47 -5.34 2.45
C MET C 98 23.84 -4.68 2.51
N GLY C 99 24.88 -5.50 2.49
CA GLY C 99 26.27 -5.10 2.63
C GLY C 99 26.70 -4.01 1.68
N LYS C 100 27.21 -4.41 0.51
CA LYS C 100 27.69 -3.46 -0.47
C LYS C 100 26.55 -2.76 -1.25
N ALA C 101 25.37 -3.44 -1.42
CA ALA C 101 24.21 -2.91 -2.16
C ALA C 101 23.89 -1.43 -1.91
N GLU C 102 23.93 -0.64 -2.99
CA GLU C 102 23.66 0.78 -2.95
C GLU C 102 22.37 1.11 -3.68
N GLY C 103 21.65 2.10 -3.18
CA GLY C 103 20.44 2.60 -3.79
C GLY C 103 20.78 3.66 -4.80
N VAL C 104 19.79 4.43 -5.26
CA VAL C 104 20.00 5.52 -6.22
C VAL C 104 19.43 6.79 -5.59
N ILE C 105 20.29 7.71 -5.12
CA ILE C 105 19.87 8.92 -4.43
C ILE C 105 19.29 9.94 -5.39
N ASN C 106 18.12 10.52 -5.02
CA ASN C 106 17.50 11.63 -5.74
C ASN C 106 18.01 12.94 -5.10
N ALA C 107 18.68 13.78 -5.89
CA ALA C 107 19.23 15.05 -5.41
C ALA C 107 18.20 16.21 -5.46
N GLU C 108 17.04 15.99 -6.13
CA GLU C 108 15.96 16.99 -6.25
C GLU C 108 15.11 17.07 -4.97
N ILE C 109 15.06 15.97 -4.19
CA ILE C 109 14.28 15.88 -2.94
C ILE C 109 15.20 15.49 -1.78
N PRO C 110 15.12 16.12 -0.59
CA PRO C 110 15.95 15.65 0.54
C PRO C 110 15.45 14.30 1.08
N ASN C 111 16.35 13.48 1.64
CA ASN C 111 16.02 12.17 2.22
C ASN C 111 15.22 11.32 1.23
N CYS C 112 15.66 11.28 -0.02
CA CYS C 112 14.94 10.60 -1.09
C CYS C 112 15.86 9.74 -1.94
N TRP C 113 15.43 8.49 -2.23
CA TRP C 113 16.20 7.55 -3.05
C TRP C 113 15.33 6.43 -3.54
N GLU C 114 15.90 5.56 -4.37
CA GLU C 114 15.33 4.27 -4.76
C GLU C 114 16.25 3.34 -3.93
N CYS C 115 15.72 2.71 -2.86
CA CYS C 115 16.46 1.93 -1.87
C CYS C 115 17.25 0.75 -2.46
N PRO C 116 18.27 0.20 -1.70
CA PRO C 116 19.06 -0.92 -2.23
C PRO C 116 18.27 -2.17 -2.57
N ARG C 117 17.15 -2.41 -1.88
CA ARG C 117 16.28 -3.56 -2.09
C ARG C 117 15.52 -3.47 -3.43
N CYS C 118 15.10 -2.23 -3.84
CA CYS C 118 14.33 -1.90 -5.05
C CYS C 118 15.18 -1.81 -6.35
N THR C 119 16.37 -1.21 -6.21
CA THR C 119 17.38 -1.06 -7.26
C THR C 119 17.83 -2.48 -7.76
N GLN C 120 17.88 -3.45 -6.82
CA GLN C 120 18.26 -4.86 -6.98
C GLN C 120 17.12 -5.68 -7.58
N GLU C 121 15.86 -5.25 -7.35
CA GLU C 121 14.67 -5.89 -7.92
C GLU C 121 14.29 -5.23 -9.26
N GLY C 122 14.76 -4.01 -9.52
CA GLY C 122 14.49 -3.26 -10.74
N ARG F 5 -11.16 3.19 -34.46
CA ARG F 5 -11.25 4.42 -35.25
C ARG F 5 -10.01 5.31 -35.05
N ARG F 6 -9.59 6.00 -36.11
CA ARG F 6 -8.48 6.95 -36.01
C ARG F 6 -8.96 8.26 -35.38
N THR F 7 -8.03 8.99 -34.76
CA THR F 7 -8.32 10.25 -34.06
C THR F 7 -7.45 11.36 -34.62
N ARG F 8 -7.90 12.60 -34.41
CA ARG F 8 -7.25 13.85 -34.81
C ARG F 8 -5.82 13.90 -34.38
N CYS F 9 -4.95 14.44 -35.22
CA CYS F 9 -3.54 14.62 -34.86
C CYS F 9 -3.33 15.79 -33.90
N ARG F 10 -4.24 16.81 -33.95
CA ARG F 10 -4.28 18.05 -33.16
C ARG F 10 -3.14 19.04 -33.53
N ARG F 11 -2.37 18.79 -34.61
CA ARG F 11 -1.22 19.63 -34.93
C ARG F 11 -1.18 20.17 -36.37
N CYS F 12 -1.94 19.56 -37.29
CA CYS F 12 -1.94 20.01 -38.69
C CYS F 12 -2.75 21.32 -38.94
N ARG F 13 -2.63 21.89 -40.16
CA ARG F 13 -3.36 23.10 -40.57
C ARG F 13 -4.87 22.91 -40.33
N ALA F 14 -5.38 21.75 -40.78
CA ALA F 14 -6.77 21.37 -40.64
C ALA F 14 -7.26 21.27 -39.18
N CYS F 15 -6.49 20.60 -38.31
CA CYS F 15 -6.78 20.44 -36.88
C CYS F 15 -6.79 21.74 -36.14
N VAL F 16 -5.86 22.67 -36.47
CA VAL F 16 -5.76 23.91 -35.71
C VAL F 16 -6.81 24.94 -36.13
N ARG F 17 -7.29 24.90 -37.39
CA ARG F 17 -8.30 25.80 -37.97
C ARG F 17 -9.57 25.80 -37.14
N THR F 18 -10.24 26.96 -36.96
CA THR F 18 -11.55 26.98 -36.30
C THR F 18 -12.58 26.76 -37.41
N GLU F 19 -13.68 26.03 -37.13
CA GLU F 19 -14.77 25.73 -38.07
C GLU F 19 -15.22 26.98 -38.85
N CYS F 20 -15.34 26.86 -40.16
CA CYS F 20 -15.68 28.00 -41.03
C CYS F 20 -17.12 28.48 -40.92
N GLY F 21 -18.02 27.57 -40.64
CA GLY F 21 -19.43 27.94 -40.60
C GLY F 21 -20.10 28.11 -41.96
N ASP F 22 -19.39 27.87 -43.09
CA ASP F 22 -19.99 28.02 -44.42
C ASP F 22 -19.94 26.75 -45.28
N CYS F 23 -19.11 25.77 -44.91
CA CYS F 23 -19.00 24.52 -45.64
C CYS F 23 -20.25 23.68 -45.42
N HIS F 24 -20.42 22.66 -46.26
CA HIS F 24 -21.54 21.72 -46.28
C HIS F 24 -21.85 21.13 -44.87
N PHE F 25 -20.80 20.80 -44.14
CA PHE F 25 -20.87 20.16 -42.85
C PHE F 25 -21.16 21.12 -41.73
N CYS F 26 -20.52 22.30 -41.77
CA CYS F 26 -20.74 23.35 -40.79
C CYS F 26 -22.20 23.79 -40.88
N ARG F 27 -22.72 24.02 -42.10
CA ARG F 27 -24.11 24.44 -42.31
C ARG F 27 -25.09 23.39 -41.73
N ASP F 28 -24.69 22.10 -41.58
CA ASP F 28 -25.57 21.11 -40.92
C ASP F 28 -25.52 21.19 -39.36
N MET F 29 -24.47 21.78 -38.81
CA MET F 29 -24.32 21.85 -37.36
C MET F 29 -25.38 22.72 -36.70
N LYS F 30 -25.95 22.28 -35.54
CA LYS F 30 -26.91 23.08 -34.78
C LYS F 30 -26.37 24.48 -34.46
N LYS F 31 -25.07 24.58 -34.12
CA LYS F 31 -24.43 25.86 -33.79
C LYS F 31 -24.44 26.83 -34.97
N PHE F 32 -24.61 26.32 -36.20
CA PHE F 32 -24.74 27.19 -37.36
C PHE F 32 -26.20 27.20 -37.89
N GLY F 33 -27.14 26.76 -37.05
CA GLY F 33 -28.57 26.75 -37.35
C GLY F 33 -29.09 25.59 -38.17
N GLY F 34 -28.29 24.53 -38.25
CA GLY F 34 -28.64 23.31 -38.98
C GLY F 34 -29.31 22.25 -38.14
N PRO F 35 -29.76 21.13 -38.79
CA PRO F 35 -30.46 20.05 -38.07
C PRO F 35 -29.59 19.13 -37.21
N GLY F 36 -28.29 19.09 -37.49
CA GLY F 36 -27.29 18.33 -36.76
C GLY F 36 -27.43 16.82 -36.90
N ARG F 37 -27.70 16.37 -38.13
CA ARG F 37 -27.95 14.98 -38.46
C ARG F 37 -26.71 14.24 -38.96
N MET F 38 -25.87 14.94 -39.71
CA MET F 38 -24.69 14.41 -40.35
C MET F 38 -23.59 14.05 -39.37
N LYS F 39 -23.45 14.80 -38.25
CA LYS F 39 -22.43 14.59 -37.21
C LYS F 39 -20.97 14.44 -37.81
N GLN F 40 -20.63 15.25 -38.82
CA GLN F 40 -19.31 15.22 -39.45
C GLN F 40 -18.66 16.53 -39.19
N SER F 41 -17.32 16.51 -39.10
CA SER F 41 -16.49 17.67 -38.85
C SER F 41 -16.53 18.65 -40.02
N CYS F 42 -16.19 19.92 -39.75
CA CYS F 42 -16.06 20.98 -40.76
C CYS F 42 -15.24 20.44 -41.92
N LEU F 43 -15.61 20.75 -43.19
CA LEU F 43 -14.87 20.26 -44.36
C LEU F 43 -13.42 20.67 -44.35
N LEU F 44 -13.15 21.87 -43.83
CA LEU F 44 -11.82 22.47 -43.71
C LEU F 44 -11.02 21.94 -42.54
N ARG F 45 -11.63 21.16 -41.64
CA ARG F 45 -10.96 20.59 -40.45
C ARG F 45 -10.74 19.06 -40.55
N GLN F 46 -10.71 18.51 -41.77
CA GLN F 46 -10.48 17.10 -42.00
C GLN F 46 -9.02 16.83 -41.81
N CYS F 47 -8.67 16.20 -40.67
CA CYS F 47 -7.28 15.84 -40.32
C CYS F 47 -6.56 15.22 -41.51
N THR F 48 -5.40 15.77 -41.88
CA THR F 48 -4.64 15.24 -43.01
C THR F 48 -3.74 14.06 -42.59
N ALA F 49 -3.42 13.89 -41.29
CA ALA F 49 -2.60 12.77 -40.80
C ALA F 49 -3.17 12.21 -39.47
N PRO F 50 -4.32 11.49 -39.52
CA PRO F 50 -4.95 11.04 -38.27
C PRO F 50 -4.14 9.93 -37.65
N VAL F 51 -4.10 9.91 -36.31
CA VAL F 51 -3.31 8.95 -35.54
C VAL F 51 -4.15 7.81 -35.01
N LEU F 52 -3.48 6.70 -34.69
CA LEU F 52 -4.14 5.54 -34.09
C LEU F 52 -4.60 5.95 -32.69
N PRO F 53 -5.71 5.38 -32.16
CA PRO F 53 -6.13 5.75 -30.81
C PRO F 53 -5.13 5.33 -29.73
N HIS F 54 -4.99 6.14 -28.67
CA HIS F 54 -4.14 5.98 -27.48
C HIS F 54 -4.18 4.55 -26.92
N THR F 55 -5.37 3.94 -27.01
CA THR F 55 -5.70 2.62 -26.48
C THR F 55 -5.30 1.46 -27.42
N ALA F 56 -4.88 1.75 -28.67
CA ALA F 56 -4.50 0.71 -29.63
C ALA F 56 -3.33 -0.13 -29.14
N VAL F 57 -3.48 -1.45 -29.31
CA VAL F 57 -2.55 -2.49 -28.88
C VAL F 57 -2.13 -3.37 -30.05
N CYS F 58 -0.92 -3.95 -29.94
CA CYS F 58 -0.30 -4.88 -30.88
C CYS F 58 -1.05 -6.24 -30.77
N LEU F 59 -1.46 -6.82 -31.92
CA LEU F 59 -2.19 -8.09 -32.00
C LEU F 59 -1.40 -9.29 -31.46
N LEU F 60 -0.07 -9.17 -31.41
CA LEU F 60 0.82 -10.23 -30.94
C LEU F 60 1.09 -10.14 -29.43
N CYS F 61 1.66 -9.02 -28.96
CA CYS F 61 1.98 -8.86 -27.54
C CYS F 61 0.93 -8.08 -26.77
N PHE F 77 11.27 2.36 -36.08
CA PHE F 77 10.22 1.83 -36.96
C PHE F 77 9.59 0.55 -36.42
N GLY F 78 10.42 -0.35 -35.89
CA GLY F 78 10.00 -1.63 -35.32
C GLY F 78 9.17 -1.56 -34.05
N LEU F 79 9.19 -0.39 -33.38
CA LEU F 79 8.43 -0.14 -32.15
C LEU F 79 7.19 0.72 -32.42
N SER F 80 6.95 1.06 -33.71
CA SER F 80 5.77 1.81 -34.14
C SER F 80 4.64 0.84 -34.37
N LEU F 81 3.42 1.22 -34.00
CA LEU F 81 2.27 0.37 -34.28
C LEU F 81 1.87 0.68 -35.72
N MET F 82 1.64 -0.35 -36.52
CA MET F 82 1.25 -0.20 -37.93
C MET F 82 -0.04 -0.97 -38.15
N GLU F 83 -1.04 -0.30 -38.75
CA GLU F 83 -2.37 -0.82 -39.06
C GLU F 83 -2.38 -1.25 -40.55
N CYS F 84 -2.69 -2.53 -40.83
CA CYS F 84 -2.74 -3.02 -42.20
C CYS F 84 -4.01 -2.57 -42.90
N THR F 85 -3.85 -1.92 -44.06
CA THR F 85 -5.00 -1.41 -44.83
C THR F 85 -5.80 -2.55 -45.51
N ILE F 86 -5.27 -3.81 -45.50
CA ILE F 86 -5.90 -4.98 -46.13
C ILE F 86 -6.55 -5.92 -45.11
N CYS F 87 -5.76 -6.39 -44.10
CA CYS F 87 -6.24 -7.31 -43.07
C CYS F 87 -6.70 -6.59 -41.78
N ASN F 88 -6.47 -5.25 -41.67
CA ASN F 88 -6.85 -4.37 -40.55
C ASN F 88 -6.17 -4.69 -39.19
N GLU F 89 -5.14 -5.55 -39.17
CA GLU F 89 -4.41 -5.89 -37.94
C GLU F 89 -3.42 -4.79 -37.60
N ILE F 90 -3.38 -4.42 -36.32
CA ILE F 90 -2.45 -3.41 -35.78
C ILE F 90 -1.36 -4.14 -35.01
N VAL F 91 -0.09 -3.88 -35.34
CA VAL F 91 1.06 -4.54 -34.68
C VAL F 91 2.37 -3.76 -34.83
N HIS F 92 3.36 -4.10 -33.97
CA HIS F 92 4.72 -3.57 -34.02
C HIS F 92 5.42 -4.39 -35.14
N PRO F 93 6.13 -3.77 -36.11
CA PRO F 93 6.84 -4.56 -37.13
C PRO F 93 7.88 -5.52 -36.54
N GLY F 94 8.47 -5.14 -35.39
CA GLY F 94 9.44 -5.96 -34.66
C GLY F 94 8.83 -7.20 -34.02
N CYS F 95 7.48 -7.25 -33.89
CA CYS F 95 6.71 -8.38 -33.34
C CYS F 95 6.41 -9.37 -34.47
N ILE F 109 -0.89 8.68 -44.89
CA ILE F 109 -1.51 8.39 -43.58
C ILE F 109 -0.49 7.72 -42.64
N PRO F 110 -0.29 8.26 -41.40
CA PRO F 110 0.70 7.65 -40.49
C PRO F 110 0.27 6.28 -39.96
N ASN F 111 1.25 5.45 -39.55
CA ASN F 111 1.05 4.11 -38.96
C ASN F 111 0.07 3.26 -39.81
N CYS F 112 0.23 3.33 -41.14
CA CYS F 112 -0.63 2.63 -42.07
C CYS F 112 0.21 1.95 -43.15
N TRP F 113 0.02 0.63 -43.35
CA TRP F 113 0.79 -0.13 -44.34
C TRP F 113 -0.01 -1.28 -44.89
N GLU F 114 0.51 -1.89 -45.94
CA GLU F 114 0.01 -3.12 -46.54
C GLU F 114 1.20 -4.07 -46.30
N CYS F 115 1.11 -4.94 -45.25
CA CYS F 115 2.21 -5.82 -44.82
C CYS F 115 2.66 -6.82 -45.88
N ARG F 117 2.46 -10.00 -45.28
CA ARG F 117 1.48 -11.08 -45.27
C ARG F 117 0.39 -10.91 -46.35
N CYS F 118 0.02 -9.63 -46.67
CA CYS F 118 -1.02 -9.28 -47.64
C CYS F 118 -0.47 -9.04 -49.07
N ARG I 3 6.03 -8.87 -11.40
CA ARG I 3 5.78 -9.48 -10.09
C ARG I 3 5.35 -10.97 -10.21
N ARG I 4 5.73 -11.82 -9.22
CA ARG I 4 5.48 -13.28 -9.25
C ARG I 4 4.43 -13.79 -8.26
N ARG I 5 3.58 -14.75 -8.76
CA ARG I 5 2.45 -15.39 -8.05
C ARG I 5 2.58 -16.90 -8.02
N ARG I 6 2.29 -17.53 -6.90
CA ARG I 6 2.31 -18.99 -6.76
C ARG I 6 1.15 -19.62 -7.53
N THR I 7 1.29 -20.90 -7.93
CA THR I 7 0.30 -21.67 -8.68
C THR I 7 -0.10 -22.86 -7.84
N ARG I 8 -1.38 -23.31 -8.00
CA ARG I 8 -1.90 -24.49 -7.33
C ARG I 8 -1.11 -25.71 -7.81
N CYS I 9 -0.88 -26.68 -6.91
CA CYS I 9 -0.11 -27.90 -7.13
C CYS I 9 -0.67 -28.79 -8.24
N ARG I 10 -2.02 -28.82 -8.44
CA ARG I 10 -2.77 -29.65 -9.42
C ARG I 10 -2.86 -31.13 -9.03
N ARG I 11 -2.38 -31.51 -7.83
CA ARG I 11 -2.31 -32.91 -7.40
C ARG I 11 -3.01 -33.25 -6.10
N CYS I 12 -3.28 -32.27 -5.23
CA CYS I 12 -3.91 -32.57 -3.95
C CYS I 12 -5.43 -32.81 -4.07
N ARG I 13 -6.06 -33.23 -2.95
CA ARG I 13 -7.51 -33.49 -2.90
C ARG I 13 -8.30 -32.23 -3.32
N ALA I 14 -7.87 -31.06 -2.80
CA ALA I 14 -8.45 -29.75 -3.08
C ALA I 14 -8.38 -29.39 -4.58
N CYS I 15 -7.19 -29.53 -5.18
CA CYS I 15 -6.92 -29.25 -6.59
C CYS I 15 -7.75 -30.13 -7.53
N VAL I 16 -7.91 -31.44 -7.20
CA VAL I 16 -8.61 -32.39 -8.09
C VAL I 16 -10.16 -32.27 -8.04
N ARG I 17 -10.72 -31.87 -6.88
CA ARG I 17 -12.16 -31.68 -6.61
C ARG I 17 -12.74 -30.58 -7.54
N THR I 18 -13.98 -30.73 -8.00
CA THR I 18 -14.64 -29.69 -8.82
C THR I 18 -15.20 -28.63 -7.88
N GLU I 19 -15.45 -27.41 -8.40
CA GLU I 19 -16.03 -26.30 -7.65
C GLU I 19 -17.40 -26.73 -7.13
N CYS I 20 -17.66 -26.47 -5.85
CA CYS I 20 -18.90 -26.87 -5.17
C CYS I 20 -20.18 -26.18 -5.67
N GLY I 21 -20.03 -25.00 -6.27
CA GLY I 21 -21.16 -24.18 -6.72
C GLY I 21 -22.01 -23.60 -5.60
N ASP I 22 -21.58 -23.72 -4.30
CA ASP I 22 -22.37 -23.24 -3.15
C ASP I 22 -21.64 -22.30 -2.20
N CYS I 23 -20.30 -22.36 -2.14
CA CYS I 23 -19.48 -21.47 -1.28
C CYS I 23 -19.55 -20.05 -1.76
N HIS I 24 -19.16 -19.12 -0.88
CA HIS I 24 -19.09 -17.67 -1.05
C HIS I 24 -18.51 -17.21 -2.40
N PHE I 25 -17.41 -17.87 -2.82
CA PHE I 25 -16.62 -17.58 -4.03
C PHE I 25 -17.26 -18.16 -5.26
N CYS I 26 -17.79 -19.41 -5.17
CA CYS I 26 -18.50 -20.10 -6.25
C CYS I 26 -19.71 -19.26 -6.62
N ARG I 27 -20.49 -18.87 -5.61
CA ARG I 27 -21.69 -18.06 -5.79
C ARG I 27 -21.36 -16.74 -6.52
N ASP I 28 -20.12 -16.23 -6.40
CA ASP I 28 -19.75 -15.01 -7.10
C ASP I 28 -19.38 -15.24 -8.57
N MET I 29 -19.01 -16.48 -8.95
CA MET I 29 -18.61 -16.81 -10.32
C MET I 29 -19.76 -16.64 -11.32
N LYS I 30 -19.47 -16.07 -12.52
CA LYS I 30 -20.47 -15.94 -13.60
C LYS I 30 -21.07 -17.30 -13.96
N LYS I 31 -20.22 -18.37 -13.96
CA LYS I 31 -20.60 -19.77 -14.22
C LYS I 31 -21.77 -20.19 -13.33
N PHE I 32 -21.82 -19.66 -12.11
CA PHE I 32 -22.89 -19.98 -11.16
C PHE I 32 -23.91 -18.84 -11.03
N GLY I 33 -23.91 -17.94 -12.01
CA GLY I 33 -24.86 -16.84 -12.09
C GLY I 33 -24.52 -15.60 -11.31
N GLY I 34 -23.29 -15.52 -10.81
CA GLY I 34 -22.83 -14.38 -10.03
C GLY I 34 -22.18 -13.28 -10.86
N PRO I 35 -21.87 -12.10 -10.24
CA PRO I 35 -21.29 -10.97 -10.99
C PRO I 35 -19.83 -11.15 -11.48
N GLY I 36 -19.08 -12.04 -10.82
CA GLY I 36 -17.73 -12.38 -11.19
C GLY I 36 -16.72 -11.28 -10.97
N ARG I 37 -16.84 -10.60 -9.81
CA ARG I 37 -15.98 -9.49 -9.41
C ARG I 37 -14.85 -9.92 -8.51
N MET I 38 -15.07 -10.92 -7.63
CA MET I 38 -14.06 -11.40 -6.68
C MET I 38 -12.90 -12.09 -7.39
N LYS I 39 -13.18 -12.88 -8.44
CA LYS I 39 -12.19 -13.61 -9.22
C LYS I 39 -11.36 -14.58 -8.34
N GLN I 40 -12.01 -15.23 -7.35
CA GLN I 40 -11.28 -16.17 -6.48
C GLN I 40 -11.74 -17.58 -6.77
N SER I 41 -10.92 -18.56 -6.42
CA SER I 41 -11.27 -19.97 -6.61
C SER I 41 -12.20 -20.42 -5.50
N CYS I 42 -12.86 -21.55 -5.74
CA CYS I 42 -13.72 -22.19 -4.78
C CYS I 42 -13.04 -22.32 -3.42
N LEU I 43 -13.80 -22.16 -2.34
CA LEU I 43 -13.32 -22.32 -0.97
C LEU I 43 -12.80 -23.74 -0.69
N LEU I 44 -13.37 -24.72 -1.38
CA LEU I 44 -13.01 -26.12 -1.19
C LEU I 44 -11.87 -26.58 -2.14
N ARG I 45 -11.42 -25.67 -3.03
CA ARG I 45 -10.35 -25.90 -3.99
C ARG I 45 -9.04 -25.14 -3.61
N GLN I 46 -8.84 -24.83 -2.31
CA GLN I 46 -7.66 -24.13 -1.84
C GLN I 46 -6.53 -25.12 -1.68
N CYS I 47 -5.55 -24.99 -2.58
CA CYS I 47 -4.38 -25.83 -2.62
C CYS I 47 -3.65 -25.94 -1.25
N THR I 48 -3.29 -27.17 -0.86
CA THR I 48 -2.59 -27.50 0.40
C THR I 48 -1.13 -27.01 0.36
N ALA I 49 -0.44 -27.17 -0.79
CA ALA I 49 0.98 -26.79 -0.96
C ALA I 49 1.23 -26.14 -2.33
N PRO I 50 0.95 -24.82 -2.47
CA PRO I 50 1.14 -24.15 -3.77
C PRO I 50 2.60 -24.07 -4.18
N VAL I 51 2.86 -24.12 -5.47
CA VAL I 51 4.22 -24.16 -6.01
C VAL I 51 4.61 -22.87 -6.73
N LEU I 52 5.91 -22.62 -6.90
CA LEU I 52 6.32 -21.43 -7.64
C LEU I 52 5.98 -21.58 -9.14
N PRO I 53 5.71 -20.49 -9.90
CA PRO I 53 5.38 -20.66 -11.32
C PRO I 53 6.56 -21.17 -12.14
N HIS I 54 6.26 -21.90 -13.21
CA HIS I 54 7.24 -22.57 -14.05
C HIS I 54 8.36 -21.69 -14.55
N THR I 55 8.13 -20.39 -14.79
CA THR I 55 9.23 -19.58 -15.32
C THR I 55 10.05 -18.86 -14.25
N ALA I 56 9.70 -19.04 -12.96
CA ALA I 56 10.40 -18.42 -11.83
C ALA I 56 11.88 -18.78 -11.83
N VAL I 57 12.73 -17.77 -11.60
CA VAL I 57 14.19 -17.88 -11.54
C VAL I 57 14.73 -17.08 -10.35
N CYS I 58 15.99 -17.33 -9.98
CA CYS I 58 16.72 -16.63 -8.92
C CYS I 58 16.94 -15.18 -9.33
N LEU I 59 16.65 -14.25 -8.42
CA LEU I 59 16.84 -12.81 -8.57
C LEU I 59 18.28 -12.43 -8.88
N LEU I 60 19.22 -13.23 -8.38
CA LEU I 60 20.64 -12.96 -8.48
C LEU I 60 21.28 -13.57 -9.73
N CYS I 61 21.18 -14.90 -9.95
CA CYS I 61 21.80 -15.56 -11.11
C CYS I 61 20.89 -15.68 -12.32
N GLY I 62 19.60 -15.46 -12.14
CA GLY I 62 18.63 -15.56 -13.23
C GLY I 62 18.36 -16.97 -13.75
N GLU I 63 18.80 -17.99 -13.00
CA GLU I 63 18.57 -19.41 -13.32
C GLU I 63 17.51 -20.02 -12.41
N ALA I 64 16.84 -21.07 -12.91
CA ALA I 64 15.79 -21.75 -12.13
C ALA I 64 16.41 -22.71 -11.10
N GLY I 65 15.60 -23.50 -10.42
CA GLY I 65 16.07 -24.48 -9.45
C GLY I 65 16.98 -25.49 -10.10
N LYS I 66 18.09 -25.83 -9.44
CA LYS I 66 19.05 -26.80 -9.97
C LYS I 66 19.35 -27.84 -8.88
N GLU I 67 18.39 -28.01 -7.96
CA GLU I 67 18.46 -28.94 -6.82
C GLU I 67 18.70 -30.40 -7.25
N ASP I 68 18.20 -30.81 -8.40
CA ASP I 68 18.41 -32.19 -8.83
C ASP I 68 19.85 -32.45 -9.36
N THR I 69 20.58 -31.38 -9.76
CA THR I 69 21.97 -31.42 -10.24
C THR I 69 22.97 -31.22 -9.07
N VAL I 70 22.58 -31.67 -7.88
CA VAL I 70 23.38 -31.56 -6.68
C VAL I 70 23.23 -32.84 -5.89
N GLU I 71 24.35 -33.19 -5.24
CA GLU I 71 24.54 -34.33 -4.36
C GLU I 71 24.71 -33.80 -2.92
N GLY I 72 23.93 -34.38 -2.02
CA GLY I 72 23.90 -33.98 -0.62
C GLY I 72 22.73 -33.03 -0.42
N GLU I 73 21.95 -33.28 0.67
CA GLU I 73 20.74 -32.55 1.09
C GLU I 73 20.96 -31.05 1.28
N GLU I 74 22.07 -30.64 1.92
CA GLU I 74 22.37 -29.23 2.15
C GLU I 74 22.67 -28.52 0.81
N GLU I 75 23.48 -29.17 -0.08
CA GLU I 75 23.82 -28.64 -1.41
C GLU I 75 22.56 -28.51 -2.28
N LYS I 76 21.63 -29.49 -2.15
CA LYS I 76 20.33 -29.53 -2.83
C LYS I 76 19.54 -28.27 -2.44
N PHE I 77 19.39 -28.01 -1.12
CA PHE I 77 18.70 -26.84 -0.58
C PHE I 77 19.29 -25.54 -1.15
N GLY I 78 20.61 -25.44 -1.22
CA GLY I 78 21.29 -24.24 -1.72
C GLY I 78 21.08 -23.94 -3.19
N LEU I 79 20.61 -24.93 -3.97
CA LEU I 79 20.36 -24.78 -5.41
C LEU I 79 18.88 -24.69 -5.73
N SER I 80 18.06 -24.71 -4.68
CA SER I 80 16.62 -24.62 -4.78
C SER I 80 16.21 -23.19 -4.76
N LEU I 81 15.11 -22.88 -5.45
CA LEU I 81 14.56 -21.54 -5.39
C LEU I 81 13.78 -21.44 -4.06
N MET I 82 13.98 -20.33 -3.32
CA MET I 82 13.28 -20.06 -2.06
C MET I 82 12.63 -18.68 -2.17
N GLU I 83 11.34 -18.58 -1.90
CA GLU I 83 10.60 -17.34 -1.95
C GLU I 83 10.39 -16.77 -0.55
N CYS I 84 10.74 -15.48 -0.37
CA CYS I 84 10.59 -14.81 0.91
C CYS I 84 9.18 -14.37 1.14
N THR I 85 8.65 -14.72 2.32
CA THR I 85 7.29 -14.37 2.72
C THR I 85 7.11 -12.87 2.98
N ILE I 86 8.23 -12.12 3.17
CA ILE I 86 8.20 -10.68 3.49
C ILE I 86 8.44 -9.79 2.26
N CYS I 87 9.58 -9.99 1.60
CA CYS I 87 10.02 -9.20 0.46
C CYS I 87 9.63 -9.82 -0.88
N ASN I 88 9.07 -11.08 -0.87
CA ASN I 88 8.58 -11.86 -2.03
C ASN I 88 9.64 -12.25 -3.08
N GLU I 89 10.94 -12.04 -2.78
CA GLU I 89 12.10 -12.36 -3.63
C GLU I 89 12.29 -13.85 -3.68
N ILE I 90 12.51 -14.39 -4.91
CA ILE I 90 12.84 -15.79 -5.20
C ILE I 90 14.36 -15.79 -5.40
N VAL I 91 15.09 -16.61 -4.63
CA VAL I 91 16.56 -16.71 -4.71
C VAL I 91 17.02 -18.13 -4.40
N HIS I 92 18.21 -18.49 -4.92
CA HIS I 92 18.89 -19.72 -4.55
C HIS I 92 19.54 -19.35 -3.21
N PRO I 93 19.38 -20.10 -2.09
CA PRO I 93 20.09 -19.72 -0.85
C PRO I 93 21.61 -19.60 -1.01
N GLY I 94 22.17 -20.43 -1.92
CA GLY I 94 23.59 -20.44 -2.26
C GLY I 94 24.07 -19.19 -2.96
N CYS I 95 23.14 -18.52 -3.69
CA CYS I 95 23.40 -17.27 -4.43
C CYS I 95 23.46 -16.04 -3.52
N LEU I 96 22.96 -16.15 -2.26
CA LEU I 96 22.96 -15.08 -1.25
C LEU I 96 24.29 -15.06 -0.59
N LYS I 97 25.00 -13.93 -0.74
CA LYS I 97 26.32 -13.74 -0.17
C LYS I 97 26.25 -13.36 1.32
N MET I 98 25.04 -13.56 1.94
CA MET I 98 24.75 -13.38 3.36
C MET I 98 25.52 -14.54 4.01
N GLY I 99 26.62 -14.20 4.69
CA GLY I 99 27.53 -15.17 5.28
C GLY I 99 26.96 -15.96 6.45
N LYS I 100 27.31 -15.51 7.67
CA LYS I 100 26.91 -16.06 8.97
C LYS I 100 25.39 -16.10 9.13
N ALA I 101 24.71 -15.26 8.32
CA ALA I 101 23.27 -15.07 8.27
C ALA I 101 22.51 -16.33 7.94
N GLU I 102 21.28 -16.40 8.45
CA GLU I 102 20.37 -17.52 8.25
C GLU I 102 18.94 -17.02 8.13
N GLY I 103 18.15 -17.75 7.33
CA GLY I 103 16.74 -17.49 7.10
C GLY I 103 15.90 -18.36 8.01
N VAL I 104 14.56 -18.21 7.93
CA VAL I 104 13.60 -19.00 8.74
C VAL I 104 12.71 -19.76 7.74
N ILE I 105 12.98 -21.07 7.53
CA ILE I 105 12.27 -21.92 6.58
C ILE I 105 10.86 -22.21 7.03
N ASN I 106 9.89 -22.10 6.10
CA ASN I 106 8.48 -22.41 6.38
C ASN I 106 8.22 -23.83 5.85
N ALA I 107 7.89 -24.77 6.76
CA ALA I 107 7.65 -26.18 6.43
C ALA I 107 6.26 -26.47 5.86
N GLU I 108 5.32 -25.50 5.99
CA GLU I 108 3.94 -25.59 5.51
C GLU I 108 3.82 -25.35 3.99
N ILE I 109 4.72 -24.54 3.43
CA ILE I 109 4.73 -24.24 1.99
C ILE I 109 6.08 -24.62 1.38
N PRO I 110 6.12 -25.26 0.19
CA PRO I 110 7.43 -25.60 -0.39
C PRO I 110 8.13 -24.33 -0.92
N ASN I 111 9.47 -24.34 -0.93
CA ASN I 111 10.28 -23.22 -1.44
C ASN I 111 9.89 -21.89 -0.75
N CYS I 112 9.77 -21.94 0.57
CA CYS I 112 9.27 -20.81 1.33
C CYS I 112 10.08 -20.52 2.57
N TRP I 113 10.40 -19.23 2.82
CA TRP I 113 11.15 -18.80 4.01
C TRP I 113 11.03 -17.31 4.25
N GLU I 114 11.61 -16.84 5.36
CA GLU I 114 11.82 -15.41 5.68
C GLU I 114 13.35 -15.35 5.52
N CYS I 115 13.84 -14.74 4.42
CA CYS I 115 15.24 -14.77 4.00
C CYS I 115 16.22 -14.13 4.99
N PRO I 116 17.53 -14.45 4.91
CA PRO I 116 18.50 -13.92 5.88
C PRO I 116 18.63 -12.41 5.85
N ARG I 117 18.30 -11.77 4.72
CA ARG I 117 18.35 -10.32 4.52
C ARG I 117 17.27 -9.62 5.33
N CYS I 118 16.08 -10.24 5.45
CA CYS I 118 14.91 -9.67 6.13
C CYS I 118 14.89 -9.93 7.63
N THR I 119 15.19 -11.19 8.01
CA THR I 119 15.29 -11.71 9.38
C THR I 119 16.24 -10.82 10.13
N GLN I 120 17.48 -10.64 9.60
CA GLN I 120 18.56 -9.81 10.13
C GLN I 120 18.18 -8.33 10.31
N GLU I 121 17.20 -7.85 9.50
CA GLU I 121 16.69 -6.47 9.56
C GLU I 121 15.70 -6.36 10.71
N GLY I 122 14.93 -7.41 10.92
CA GLY I 122 13.96 -7.53 12.01
C GLY I 122 12.53 -7.36 11.56
N ARG I 123 12.21 -7.94 10.40
CA ARG I 123 10.89 -7.88 9.77
C ARG I 123 10.03 -9.08 10.16
CA ARG L 3 -7.78 11.70 25.01
C ARG L 3 -7.57 10.21 24.73
N ARG L 4 -7.91 9.32 25.72
CA ARG L 4 -7.78 7.85 25.66
C ARG L 4 -8.70 7.12 26.65
N ARG L 5 -9.68 6.34 26.11
CA ARG L 5 -10.75 5.62 26.81
C ARG L 5 -10.50 4.12 26.97
N ARG L 6 -11.09 3.49 28.02
CA ARG L 6 -11.04 2.02 28.22
C ARG L 6 -12.12 1.36 27.34
N THR L 7 -11.93 0.11 26.90
CA THR L 7 -12.88 -0.56 26.02
C THR L 7 -13.48 -1.76 26.72
N ARG L 8 -14.68 -2.18 26.31
CA ARG L 8 -15.35 -3.35 26.90
C ARG L 8 -14.53 -4.62 26.66
N CYS L 9 -14.55 -5.53 27.65
CA CYS L 9 -13.76 -6.75 27.69
C CYS L 9 -14.15 -7.75 26.63
N ARG L 10 -15.44 -7.77 26.24
CA ARG L 10 -16.00 -8.66 25.21
C ARG L 10 -16.15 -10.13 25.66
N ARG L 11 -15.94 -10.44 26.96
CA ARG L 11 -16.01 -11.82 27.43
C ARG L 11 -16.73 -12.01 28.79
N CYS L 12 -17.15 -10.93 29.44
CA CYS L 12 -17.87 -11.04 30.70
C CYS L 12 -19.35 -11.24 30.46
N ARG L 13 -20.12 -11.53 31.53
CA ARG L 13 -21.57 -11.76 31.46
C ARG L 13 -22.30 -10.62 30.76
N ALA L 14 -21.96 -9.37 31.11
CA ALA L 14 -22.54 -8.16 30.54
C ALA L 14 -22.27 -8.03 29.05
N CYS L 15 -20.98 -8.16 28.65
CA CYS L 15 -20.50 -8.08 27.27
C CYS L 15 -21.15 -9.10 26.36
N VAL L 16 -21.34 -10.34 26.84
CA VAL L 16 -21.87 -11.41 26.01
C VAL L 16 -23.39 -11.32 25.78
N ARG L 17 -24.13 -10.53 26.61
CA ARG L 17 -25.57 -10.30 26.45
C ARG L 17 -25.85 -9.46 25.17
N THR L 18 -27.03 -9.62 24.57
CA THR L 18 -27.48 -8.78 23.45
C THR L 18 -28.31 -7.63 24.05
N GLU L 19 -28.46 -6.52 23.32
CA GLU L 19 -29.21 -5.33 23.77
C GLU L 19 -30.69 -5.72 24.03
N CYS L 20 -31.25 -5.33 25.19
CA CYS L 20 -32.62 -5.69 25.61
C CYS L 20 -33.71 -5.02 24.79
N GLY L 21 -33.43 -3.82 24.29
CA GLY L 21 -34.39 -3.02 23.58
C GLY L 21 -35.45 -2.38 24.46
N ASP L 22 -35.38 -2.55 25.81
CA ASP L 22 -36.42 -2.04 26.72
C ASP L 22 -35.90 -1.06 27.81
N CYS L 23 -34.59 -1.09 28.14
CA CYS L 23 -33.99 -0.17 29.12
C CYS L 23 -33.98 1.27 28.63
N HIS L 24 -33.66 2.20 29.54
CA HIS L 24 -33.59 3.64 29.30
C HIS L 24 -32.68 4.03 28.12
N PHE L 25 -31.55 3.32 28.02
CA PHE L 25 -30.50 3.51 27.02
C PHE L 25 -30.87 2.99 25.68
N CYS L 26 -31.37 1.73 25.64
CA CYS L 26 -31.81 1.06 24.42
C CYS L 26 -32.90 1.86 23.80
N ARG L 27 -33.91 2.26 24.61
CA ARG L 27 -35.05 3.05 24.14
C ARG L 27 -34.58 4.39 23.45
N ASP L 28 -33.37 4.89 23.80
CA ASP L 28 -32.83 6.10 23.16
C ASP L 28 -32.16 5.80 21.78
N MET L 29 -31.74 4.55 21.55
CA MET L 29 -31.07 4.16 20.30
C MET L 29 -31.99 4.23 19.09
N LYS L 30 -31.48 4.73 17.96
CA LYS L 30 -32.23 4.78 16.68
C LYS L 30 -32.82 3.40 16.32
N LYS L 31 -32.04 2.31 16.50
CA LYS L 31 -32.47 0.92 16.19
C LYS L 31 -33.75 0.54 16.97
N PHE L 32 -34.00 1.23 18.09
CA PHE L 32 -35.19 0.96 18.86
C PHE L 32 -36.20 2.12 18.75
N GLY L 33 -36.01 2.96 17.73
CA GLY L 33 -36.91 4.06 17.42
C GLY L 33 -36.68 5.37 18.17
N GLY L 34 -35.55 5.47 18.87
CA GLY L 34 -35.19 6.64 19.64
C GLY L 34 -34.38 7.66 18.86
N PRO L 35 -34.11 8.84 19.48
CA PRO L 35 -33.35 9.90 18.77
C PRO L 35 -31.84 9.71 18.63
N GLY L 36 -31.25 8.83 19.45
CA GLY L 36 -29.83 8.50 19.43
C GLY L 36 -28.90 9.61 19.92
N ARG L 37 -29.32 10.30 21.00
CA ARG L 37 -28.60 11.42 21.60
C ARG L 37 -27.71 11.07 22.78
N MET L 38 -28.07 10.01 23.50
CA MET L 38 -27.34 9.57 24.69
C MET L 38 -26.04 8.87 24.37
N LYS L 39 -25.97 8.16 23.27
CA LYS L 39 -24.84 7.41 22.76
C LYS L 39 -24.16 6.52 23.85
N GLN L 40 -25.01 5.81 24.61
CA GLN L 40 -24.61 4.84 25.63
C GLN L 40 -25.06 3.46 25.22
N SER L 41 -24.35 2.49 25.77
CA SER L 41 -24.63 1.06 25.62
C SER L 41 -25.86 0.67 26.44
N CYS L 42 -26.43 -0.47 26.13
CA CYS L 42 -27.55 -1.02 26.89
C CYS L 42 -27.17 -1.08 28.39
N LEU L 43 -28.16 -0.82 29.29
CA LEU L 43 -27.98 -0.89 30.76
C LEU L 43 -27.46 -2.25 31.21
N LEU L 44 -27.90 -3.32 30.52
CA LEU L 44 -27.57 -4.72 30.77
C LEU L 44 -26.22 -5.13 30.15
N ARG L 45 -25.64 -4.30 29.30
CA ARG L 45 -24.38 -4.61 28.67
C ARG L 45 -23.23 -3.72 29.17
N GLN L 46 -23.34 -3.20 30.39
CA GLN L 46 -22.28 -2.37 30.95
C GLN L 46 -21.19 -3.27 31.47
N CYS L 47 -20.07 -3.30 30.74
CA CYS L 47 -18.90 -4.10 31.04
C CYS L 47 -18.51 -4.10 32.51
N THR L 48 -18.38 -5.30 33.09
CA THR L 48 -18.01 -5.51 34.48
C THR L 48 -16.50 -5.32 34.70
N ALA L 49 -15.65 -5.62 33.69
CA ALA L 49 -14.19 -5.48 33.80
C ALA L 49 -13.60 -4.85 32.52
N PRO L 50 -13.74 -3.52 32.32
CA PRO L 50 -13.27 -2.89 31.06
C PRO L 50 -11.76 -2.89 30.99
N VAL L 51 -11.22 -3.11 29.78
CA VAL L 51 -9.79 -3.24 29.59
C VAL L 51 -9.16 -2.02 28.90
N LEU L 52 -7.84 -1.85 29.09
CA LEU L 52 -7.11 -0.78 28.41
C LEU L 52 -7.11 -1.11 26.91
N PRO L 53 -7.14 -0.11 26.01
CA PRO L 53 -7.15 -0.43 24.58
C PRO L 53 -5.85 -1.06 24.10
N HIS L 54 -5.91 -1.71 22.94
CA HIS L 54 -4.76 -2.35 22.28
C HIS L 54 -3.65 -1.36 21.98
N THR L 55 -3.94 -0.05 22.02
CA THR L 55 -3.00 1.05 21.80
C THR L 55 -2.24 1.48 23.08
N ALA L 56 -2.57 0.88 24.24
CA ALA L 56 -1.93 1.23 25.51
C ALA L 56 -0.49 0.82 25.53
N VAL L 57 0.38 1.69 26.05
CA VAL L 57 1.84 1.49 26.17
C VAL L 57 2.32 2.03 27.52
N CYS L 58 3.47 1.54 28.00
CA CYS L 58 4.14 1.91 29.25
C CYS L 58 4.81 3.28 29.06
N LEU L 59 4.62 4.19 30.03
CA LEU L 59 5.14 5.57 30.04
C LEU L 59 6.65 5.65 29.96
N LEU L 60 7.33 4.63 30.49
CA LEU L 60 8.79 4.58 30.55
C LEU L 60 9.42 3.91 29.34
N CYS L 61 9.05 2.66 29.02
CA CYS L 61 9.65 1.91 27.92
C CYS L 61 8.92 2.08 26.57
N GLY L 62 7.70 2.61 26.60
CA GLY L 62 6.94 2.82 25.37
C GLY L 62 6.43 1.56 24.69
N GLU L 63 6.52 0.41 25.39
CA GLU L 63 6.04 -0.89 24.89
C GLU L 63 4.73 -1.29 25.56
N ALA L 64 3.98 -2.21 24.92
CA ALA L 64 2.72 -2.70 25.45
C ALA L 64 2.96 -3.78 26.51
N GLY L 65 1.87 -4.32 27.07
CA GLY L 65 1.90 -5.38 28.07
C GLY L 65 2.52 -6.63 27.48
N LYS L 66 3.45 -7.26 28.23
CA LYS L 66 4.14 -8.48 27.81
C LYS L 66 3.90 -9.64 28.79
N GLU L 67 2.77 -9.57 29.54
CA GLU L 67 2.35 -10.57 30.54
C GLU L 67 2.21 -11.99 29.95
N ASP L 68 1.92 -12.11 28.63
CA ASP L 68 1.79 -13.38 27.91
C ASP L 68 3.14 -14.14 27.82
N THR L 69 4.28 -13.41 27.85
CA THR L 69 5.65 -13.97 27.77
C THR L 69 6.10 -14.60 29.09
N GLY L 72 6.57 -17.22 35.61
CA GLY L 72 6.25 -16.91 37.00
C GLY L 72 5.19 -15.84 37.13
N GLU L 73 4.31 -15.98 38.15
CA GLU L 73 3.20 -15.04 38.41
C GLU L 73 3.66 -13.62 38.74
N GLU L 74 4.76 -13.47 39.50
CA GLU L 74 5.32 -12.16 39.86
C GLU L 74 5.85 -11.45 38.61
N GLU L 75 6.61 -12.17 37.77
CA GLU L 75 7.17 -11.66 36.51
C GLU L 75 6.06 -11.27 35.53
N LYS L 76 4.96 -12.08 35.48
CA LYS L 76 3.78 -11.84 34.66
C LYS L 76 3.16 -10.48 35.06
N PHE L 77 2.89 -10.29 36.38
CA PHE L 77 2.35 -9.03 36.95
C PHE L 77 3.24 -7.82 36.61
N GLY L 78 4.56 -7.98 36.68
CA GLY L 78 5.52 -6.92 36.38
C GLY L 78 5.60 -6.51 34.92
N LEU L 79 5.06 -7.34 34.01
CA LEU L 79 5.04 -7.08 32.57
C LEU L 79 3.64 -6.64 32.10
N SER L 80 2.70 -6.51 33.06
CA SER L 80 1.35 -6.05 32.80
C SER L 80 1.33 -4.54 32.90
N LEU L 81 0.53 -3.92 32.05
CA LEU L 81 0.35 -2.48 32.13
C LEU L 81 -0.60 -2.20 33.30
N MET L 82 -0.29 -1.18 34.09
CA MET L 82 -1.11 -0.78 35.24
C MET L 82 -1.33 0.70 35.15
N GLU L 83 -2.60 1.11 35.22
CA GLU L 83 -3.03 2.51 35.13
C GLU L 83 -3.30 3.05 36.56
N CYS L 84 -2.62 4.17 36.94
CA CYS L 84 -2.87 4.77 38.25
C CYS L 84 -4.15 5.58 38.24
N THR L 85 -5.06 5.28 39.19
CA THR L 85 -6.35 5.97 39.32
C THR L 85 -6.21 7.46 39.74
N ILE L 86 -5.02 7.83 40.26
CA ILE L 86 -4.72 9.17 40.77
C ILE L 86 -3.96 10.06 39.75
N CYS L 87 -2.78 9.61 39.29
CA CYS L 87 -1.94 10.34 38.36
C CYS L 87 -2.17 9.94 36.89
N ASN L 88 -3.00 8.90 36.65
CA ASN L 88 -3.42 8.35 35.35
C ASN L 88 -2.27 7.82 34.46
N GLU L 89 -1.07 7.60 35.02
CA GLU L 89 0.04 7.06 34.25
C GLU L 89 -0.16 5.55 34.06
N ILE L 90 0.16 5.06 32.86
CA ILE L 90 0.12 3.63 32.53
C ILE L 90 1.59 3.18 32.46
N VAL L 91 1.95 2.15 33.24
CA VAL L 91 3.32 1.64 33.30
C VAL L 91 3.35 0.14 33.63
N HIS L 92 4.50 -0.50 33.35
CA HIS L 92 4.77 -1.89 33.74
C HIS L 92 5.26 -1.75 35.18
N PRO L 93 4.76 -2.53 36.18
CA PRO L 93 5.31 -2.41 37.54
C PRO L 93 6.81 -2.69 37.62
N GLY L 94 7.33 -3.52 36.71
CA GLY L 94 8.76 -3.82 36.61
C GLY L 94 9.63 -2.63 36.22
N CYS L 95 9.02 -1.64 35.53
CA CYS L 95 9.70 -0.42 35.09
N GLU L 102 5.48 -0.77 46.62
CA GLU L 102 4.13 -1.32 46.47
C GLU L 102 3.02 -0.23 46.45
N GLY L 103 1.97 -0.49 45.67
CA GLY L 103 0.79 0.35 45.53
C GLY L 103 -0.46 -0.36 46.00
N VAL L 104 -1.66 0.19 45.68
CA VAL L 104 -2.93 -0.40 46.09
C VAL L 104 -3.74 -0.84 44.85
N ILE L 105 -3.78 -2.18 44.57
CA ILE L 105 -4.46 -2.76 43.41
C ILE L 105 -5.96 -2.68 43.59
N ASN L 106 -6.67 -2.18 42.55
CA ASN L 106 -8.13 -2.05 42.54
C ASN L 106 -8.69 -3.25 41.78
N ALA L 107 -9.41 -4.12 42.50
CA ALA L 107 -9.92 -5.38 41.99
C ALA L 107 -11.20 -5.27 41.17
N GLU L 108 -11.82 -4.07 41.13
CA GLU L 108 -13.04 -3.81 40.35
C GLU L 108 -12.74 -3.82 38.85
N ILE L 109 -11.63 -3.14 38.47
CA ILE L 109 -11.18 -2.99 37.09
C ILE L 109 -9.80 -3.62 36.87
N PRO L 110 -9.59 -4.30 35.72
CA PRO L 110 -8.24 -4.85 35.47
C PRO L 110 -7.25 -3.74 35.14
N ASN L 111 -5.95 -4.04 35.35
CA ASN L 111 -4.85 -3.11 35.07
C ASN L 111 -5.07 -1.73 35.75
N CYS L 112 -5.53 -1.77 36.98
CA CYS L 112 -5.88 -0.58 37.74
C CYS L 112 -5.32 -0.63 39.16
N TRP L 113 -4.70 0.47 39.57
CA TRP L 113 -4.15 0.60 40.91
C TRP L 113 -3.97 2.06 41.28
N GLU L 114 -3.52 2.28 42.52
CA GLU L 114 -3.02 3.55 43.02
C GLU L 114 -1.54 3.17 43.11
N CYS L 115 -0.69 3.69 42.21
CA CYS L 115 0.71 3.29 42.07
C CYS L 115 1.57 3.53 43.34
N PRO L 116 2.76 2.85 43.44
CA PRO L 116 3.62 3.05 44.62
C PRO L 116 4.12 4.48 44.80
N ARG L 117 4.19 5.25 43.70
CA ARG L 117 4.64 6.65 43.71
C ARG L 117 3.62 7.57 44.41
N CYS L 118 2.29 7.26 44.28
CA CYS L 118 1.18 8.05 44.86
C CYS L 118 0.89 7.70 46.32
N THR L 119 0.74 6.37 46.57
CA THR L 119 0.44 5.73 47.85
C THR L 119 1.25 6.34 49.03
N GLN L 120 2.46 6.93 48.77
CA GLN L 120 3.31 7.56 49.80
C GLN L 120 3.11 9.08 49.92
#